data_8IUD
#
_entry.id   8IUD
#
_cell.length_a   68.656
_cell.length_b   70.261
_cell.length_c   145.757
_cell.angle_alpha   90.00
_cell.angle_beta   90.00
_cell.angle_gamma   90.00
#
_symmetry.space_group_name_H-M   'P 21 21 21'
#
loop_
_entity.id
_entity.type
_entity.pdbx_description
1 polymer 'Gabija protein GajB'
2 water water
#
_entity_poly.entity_id   1
_entity_poly.type   'polypeptide(L)'
_entity_poly.pdbx_seq_one_letter_code
;GH(MSE)SREQIIKDGGNILVTAGAGSGKTTILVSKIEADLKENKTHYSIAAVTFTNKAAKEIEGRLGYSSRGNFIGTND
GFVESEIIRPFIKDAFGNDYPDNFTAEYFDNQFASYDKGLQVLKYQNILGTYSNPKKNFKFQLALDILKKSLVARQYIFS
KYFKIFIDEYQDSDKD(MSE)HNLF(MSE)YLKDQLKIKLFIVGDPKQSIYIWRGAEPENFNGLIENSTDFNKYHLTSNF
RCCQDIQNYSNLFNEETRSLIKEKNEVQNVISIADD(MSE)PISDILLKLTEEKQVLNIEAELVILVRRRNQAIEI
(MSE)KELNEEGFNFIFIPQTPLDRATPNATLLKEVIKYVKNDRYSIYDLAAEIVGNLSSREIKEIQKIINELLVPNINQ
VLINQVLINLFAKLEITLDTREITAFTEV(MSE)(MSE)TNEFDIAFDTNEYLHKIFTVHSAKGLEFNQVIITASDYNVH
YNRDTNEHYVATTRAKDKLIVI(MSE)DNKKYSDYIETL(MSE)KELKIKNIIKSI
;
_entity_poly.pdbx_strand_id   A
#
# COMPACT_ATOMS: atom_id res chain seq x y z
N SER A 4 -16.29 -12.10 4.39
CA SER A 4 -17.20 -11.48 3.43
C SER A 4 -16.93 -9.98 3.31
N ARG A 5 -17.42 -9.37 2.24
CA ARG A 5 -17.24 -7.94 2.04
C ARG A 5 -18.40 -7.11 2.57
N GLU A 6 -19.61 -7.40 2.06
CA GLU A 6 -20.78 -6.58 2.35
C GLU A 6 -21.14 -6.66 3.83
N GLN A 7 -20.76 -7.77 4.46
CA GLN A 7 -20.91 -7.95 5.90
C GLN A 7 -20.13 -6.87 6.67
N ILE A 8 -18.86 -6.67 6.32
CA ILE A 8 -18.04 -5.59 6.86
C ILE A 8 -18.74 -4.24 6.70
N ILE A 9 -19.31 -4.01 5.52
CA ILE A 9 -19.98 -2.75 5.23
C ILE A 9 -21.21 -2.55 6.12
N LYS A 10 -21.87 -3.66 6.45
CA LYS A 10 -23.06 -3.60 7.29
C LYS A 10 -22.70 -3.46 8.77
N ASP A 11 -21.46 -3.81 9.10
CA ASP A 11 -21.00 -3.88 10.49
C ASP A 11 -20.65 -2.49 11.04
N GLY A 12 -21.37 -2.05 12.05
CA GLY A 12 -21.23 -0.70 12.57
C GLY A 12 -20.30 -0.52 13.77
N GLY A 13 -19.77 -1.61 14.32
CA GLY A 13 -19.00 -1.54 15.54
C GLY A 13 -17.49 -1.65 15.37
N ASN A 14 -16.82 -2.14 16.40
CA ASN A 14 -15.37 -2.33 16.35
C ASN A 14 -15.04 -3.52 15.47
N ILE A 15 -14.11 -3.32 14.53
CA ILE A 15 -13.77 -4.32 13.53
C ILE A 15 -12.27 -4.54 13.44
N LEU A 16 -11.85 -5.81 13.48
CA LEU A 16 -10.50 -6.23 13.14
C LEU A 16 -10.53 -6.88 11.75
N VAL A 17 -9.70 -6.39 10.83
CA VAL A 17 -9.53 -7.04 9.53
C VAL A 17 -8.10 -7.50 9.36
N THR A 18 -7.91 -8.78 9.08
CA THR A 18 -6.60 -9.29 8.72
C THR A 18 -6.51 -9.41 7.20
N ALA A 19 -5.39 -8.94 6.66
CA ALA A 19 -5.17 -8.90 5.22
C ALA A 19 -4.18 -9.98 4.78
N LEU A 29 -11.00 -0.66 3.57
CA LEU A 29 -10.63 0.55 4.35
C LEU A 29 -11.20 1.82 3.74
N VAL A 30 -10.75 2.16 2.53
CA VAL A 30 -11.36 3.25 1.78
C VAL A 30 -12.82 2.93 1.55
N SER A 31 -13.07 1.65 1.30
CA SER A 31 -14.41 1.14 1.08
C SER A 31 -15.32 1.41 2.28
N LYS A 32 -14.86 1.04 3.47
CA LYS A 32 -15.68 1.22 4.68
C LYS A 32 -15.87 2.70 5.04
N ILE A 33 -14.82 3.52 4.86
CA ILE A 33 -14.96 4.94 5.16
C ILE A 33 -15.98 5.60 4.24
N GLU A 34 -15.94 5.29 2.94
CA GLU A 34 -16.92 5.82 2.00
C GLU A 34 -18.33 5.50 2.45
N ALA A 35 -18.56 4.22 2.75
CA ALA A 35 -19.87 3.75 3.19
C ALA A 35 -20.30 4.45 4.47
N ASP A 36 -19.44 4.45 5.48
CA ASP A 36 -19.80 4.98 6.79
C ASP A 36 -20.06 6.47 6.73
N LEU A 37 -19.36 7.16 5.83
CA LEU A 37 -19.57 8.59 5.66
C LEU A 37 -20.91 8.86 4.97
N LYS A 38 -21.26 7.99 4.02
CA LYS A 38 -22.54 8.11 3.34
C LYS A 38 -23.70 8.03 4.34
N GLU A 39 -23.76 6.92 5.08
CA GLU A 39 -24.90 6.66 5.95
C GLU A 39 -24.82 7.38 7.30
N ASN A 40 -23.75 8.13 7.54
CA ASN A 40 -23.67 8.92 8.76
C ASN A 40 -24.67 10.07 8.73
N LYS A 41 -25.44 10.19 9.80
CA LYS A 41 -26.51 11.17 9.87
C LYS A 41 -26.19 12.22 10.93
N THR A 42 -25.21 11.90 11.77
CA THR A 42 -24.85 12.76 12.89
C THR A 42 -23.82 13.82 12.48
N HIS A 43 -23.49 14.67 13.44
CA HIS A 43 -22.44 15.66 13.25
C HIS A 43 -21.03 15.06 13.37
N TYR A 44 -20.90 13.88 13.98
CA TYR A 44 -19.58 13.30 14.26
C TYR A 44 -18.77 13.05 12.99
N SER A 45 -17.45 13.10 13.12
CA SER A 45 -16.53 12.86 12.00
C SER A 45 -15.79 11.54 12.17
N ILE A 46 -15.00 11.18 11.16
CA ILE A 46 -14.11 10.03 11.30
C ILE A 46 -12.66 10.50 11.25
N ALA A 47 -11.76 9.66 11.70
CA ALA A 47 -10.33 9.90 11.48
C ALA A 47 -9.73 8.64 10.90
N ALA A 48 -8.84 8.79 9.93
CA ALA A 48 -8.10 7.67 9.38
C ALA A 48 -6.62 7.94 9.60
N VAL A 49 -5.89 7.00 10.19
CA VAL A 49 -4.50 7.30 10.51
C VAL A 49 -3.60 6.24 9.92
N THR A 50 -2.52 6.69 9.29
CA THR A 50 -1.57 5.81 8.63
C THR A 50 -0.17 6.01 9.18
N PHE A 51 0.74 5.13 8.85
CA PHE A 51 2.14 5.32 9.18
C PHE A 51 2.85 6.31 8.24
N THR A 52 2.44 6.36 6.98
CA THR A 52 3.11 7.22 5.99
C THR A 52 2.18 8.24 5.36
N ASN A 53 2.74 9.37 4.92
CA ASN A 53 1.91 10.33 4.24
C ASN A 53 1.45 9.78 2.89
N LYS A 54 2.27 8.91 2.30
CA LYS A 54 1.90 8.22 1.07
C LYS A 54 0.56 7.47 1.29
N ALA A 55 0.50 6.63 2.31
CA ALA A 55 -0.75 5.89 2.58
C ALA A 55 -1.92 6.84 2.88
N ALA A 56 -1.67 7.90 3.63
CA ALA A 56 -2.71 8.87 3.93
C ALA A 56 -3.27 9.51 2.66
N LYS A 57 -2.36 10.02 1.81
CA LYS A 57 -2.73 10.70 0.58
C LYS A 57 -3.56 9.80 -0.32
N GLU A 58 -3.19 8.52 -0.36
CA GLU A 58 -3.92 7.55 -1.15
C GLU A 58 -5.38 7.44 -0.70
N ILE A 59 -5.62 7.56 0.60
CA ILE A 59 -6.98 7.52 1.13
C ILE A 59 -7.67 8.83 0.85
N GLU A 60 -7.02 9.93 1.20
CA GLU A 60 -7.58 11.27 0.97
C GLU A 60 -7.91 11.46 -0.52
N GLY A 61 -7.12 10.82 -1.38
CA GLY A 61 -7.30 10.91 -2.81
C GLY A 61 -8.61 10.31 -3.31
N ARG A 62 -8.93 9.12 -2.82
CA ARG A 62 -10.14 8.41 -3.23
C ARG A 62 -11.41 8.97 -2.58
N LEU A 63 -11.23 9.78 -1.54
CA LEU A 63 -12.35 10.49 -0.94
C LEU A 63 -12.34 11.92 -1.45
N GLY A 69 -13.71 17.43 6.11
CA GLY A 69 -14.23 17.65 7.45
C GLY A 69 -13.76 16.60 8.44
N ASN A 70 -13.32 15.47 7.91
CA ASN A 70 -12.75 14.41 8.72
C ASN A 70 -11.23 14.54 8.78
N PHE A 71 -10.58 13.66 9.52
CA PHE A 71 -9.13 13.66 9.57
C PHE A 71 -8.58 12.50 8.76
N ILE A 72 -7.70 12.81 7.82
CA ILE A 72 -6.98 11.77 7.11
C ILE A 72 -5.52 12.20 7.18
N GLY A 73 -4.68 11.35 7.75
CA GLY A 73 -3.32 11.75 8.01
C GLY A 73 -2.54 10.64 8.65
N THR A 74 -1.35 10.98 9.12
CA THR A 74 -0.50 10.00 9.76
C THR A 74 -0.85 9.94 11.24
N ASN A 75 -0.44 8.85 11.87
CA ASN A 75 -0.44 8.72 13.32
C ASN A 75 0.11 9.95 14.01
N ASP A 76 1.31 10.38 13.62
CA ASP A 76 1.95 11.51 14.29
C ASP A 76 1.22 12.83 14.04
N GLY A 77 0.73 13.04 12.83
CA GLY A 77 -0.06 14.22 12.55
C GLY A 77 -1.35 14.27 13.37
N PHE A 78 -1.98 13.10 13.56
CA PHE A 78 -3.20 13.07 14.36
C PHE A 78 -2.96 13.50 15.81
N VAL A 79 -2.01 12.87 16.50
CA VAL A 79 -1.85 13.19 17.93
C VAL A 79 -1.31 14.59 18.16
N GLU A 80 -0.42 15.03 17.27
CA GLU A 80 0.09 16.39 17.33
C GLU A 80 -0.98 17.46 17.10
N SER A 81 -1.77 17.31 16.04
CA SER A 81 -2.70 18.38 15.66
C SER A 81 -4.05 18.31 16.40
N GLU A 82 -4.52 17.11 16.70
CA GLU A 82 -5.84 16.93 17.31
C GLU A 82 -5.80 16.88 18.84
N ILE A 83 -4.63 16.65 19.42
CA ILE A 83 -4.57 16.50 20.87
C ILE A 83 -3.48 17.35 21.53
N ILE A 84 -2.24 17.13 21.13
CA ILE A 84 -1.11 17.75 21.85
C ILE A 84 -1.08 19.26 21.69
N ARG A 85 -1.03 19.75 20.45
CA ARG A 85 -1.00 21.20 20.21
C ARG A 85 -2.21 21.92 20.81
N PRO A 86 -3.44 21.44 20.51
CA PRO A 86 -4.55 22.22 21.07
C PRO A 86 -4.72 22.18 22.58
N PHE A 87 -4.21 21.17 23.28
CA PHE A 87 -4.61 21.02 24.69
C PHE A 87 -3.47 20.84 25.68
N ILE A 88 -2.23 20.94 25.21
CA ILE A 88 -1.12 20.73 26.15
C ILE A 88 -1.09 21.82 27.22
N LYS A 89 -1.45 23.05 26.87
CA LYS A 89 -1.44 24.14 27.86
C LYS A 89 -2.53 23.92 28.90
N ASP A 90 -3.72 23.50 28.46
CA ASP A 90 -4.79 23.23 29.40
C ASP A 90 -4.42 22.06 30.31
N ALA A 91 -3.66 21.11 29.80
CA ALA A 91 -3.35 19.92 30.59
C ALA A 91 -2.15 20.14 31.52
N PHE A 92 -1.14 20.88 31.05
CA PHE A 92 0.13 20.95 31.75
C PHE A 92 0.44 22.34 32.32
N GLY A 93 -0.25 23.35 31.80
CA GLY A 93 0.03 24.72 32.20
C GLY A 93 0.51 25.55 31.02
N ASN A 94 0.49 26.87 31.22
CA ASN A 94 0.76 27.79 30.13
C ASN A 94 2.22 27.84 29.75
N ASP A 95 3.09 27.33 30.61
CA ASP A 95 4.52 27.42 30.30
C ASP A 95 4.95 26.34 29.31
N TYR A 96 4.01 25.53 28.86
CA TYR A 96 4.27 24.58 27.79
C TYR A 96 3.88 25.21 26.44
N PRO A 97 4.67 24.96 25.40
CA PRO A 97 4.43 25.60 24.10
C PRO A 97 3.38 24.88 23.27
N ASP A 98 2.67 25.61 22.41
CA ASP A 98 1.77 24.98 21.44
C ASP A 98 2.25 25.27 20.01
N ASN A 99 3.40 25.91 19.89
CA ASN A 99 4.00 26.19 18.59
C ASN A 99 5.34 25.48 18.45
N PHE A 100 5.48 24.36 19.13
CA PHE A 100 6.71 23.56 19.07
C PHE A 100 6.98 23.01 17.68
N THR A 101 8.22 22.60 17.47
CA THR A 101 8.60 21.90 16.27
C THR A 101 8.81 20.41 16.57
N ALA A 102 8.21 19.56 15.75
CA ALA A 102 8.49 18.13 15.81
C ALA A 102 9.85 17.85 15.18
N GLU A 103 10.70 17.08 15.86
CA GLU A 103 11.94 16.64 15.23
C GLU A 103 12.15 15.16 15.40
N TYR A 104 12.36 14.48 14.27
CA TYR A 104 12.55 13.03 14.25
C TYR A 104 14.02 12.62 14.35
N PHE A 105 14.93 13.51 14.02
CA PHE A 105 16.30 13.08 13.81
C PHE A 105 17.19 13.29 15.02
N ASP A 106 17.14 14.48 15.61
CA ASP A 106 17.97 14.74 16.76
C ASP A 106 17.07 14.84 17.98
N ASN A 107 17.61 15.32 19.09
CA ASN A 107 16.83 15.53 20.30
C ASN A 107 16.09 14.26 20.75
N GLN A 108 16.77 13.13 20.67
CA GLN A 108 16.30 11.91 21.29
C GLN A 108 16.56 11.98 22.78
N PHE A 109 15.84 11.19 23.56
CA PHE A 109 15.97 11.20 25.01
C PHE A 109 15.54 9.86 25.59
N ALA A 110 15.75 9.68 26.88
CA ALA A 110 15.61 8.38 27.52
C ALA A 110 14.43 8.28 28.48
N SER A 111 13.89 9.42 28.89
CA SER A 111 12.78 9.40 29.85
C SER A 111 11.70 10.37 29.44
N TYR A 112 10.50 10.11 29.94
CA TYR A 112 9.37 10.99 29.71
C TYR A 112 9.66 12.39 30.23
N ASP A 113 10.22 12.51 31.45
CA ASP A 113 10.45 13.84 32.01
C ASP A 113 11.45 14.62 31.17
N LYS A 114 12.48 13.95 30.67
CA LYS A 114 13.43 14.63 29.82
C LYS A 114 12.73 15.09 28.52
N GLY A 115 11.84 14.25 28.00
CA GLY A 115 11.08 14.64 26.82
C GLY A 115 10.27 15.89 27.07
N LEU A 116 9.65 15.96 28.25
CA LEU A 116 8.92 17.14 28.68
C LEU A 116 9.84 18.35 28.76
N GLN A 117 11.04 18.15 29.28
CA GLN A 117 12.05 19.22 29.33
C GLN A 117 12.38 19.76 27.95
N VAL A 118 12.64 18.86 27.01
CA VAL A 118 13.03 19.28 25.66
C VAL A 118 11.90 20.05 25.01
N LEU A 119 10.68 19.63 25.29
CA LEU A 119 9.51 20.31 24.75
C LEU A 119 9.37 21.67 25.40
N LYS A 120 9.51 21.70 26.72
CA LYS A 120 9.25 22.90 27.52
C LYS A 120 10.32 23.98 27.31
N TYR A 121 11.57 23.56 27.17
CA TYR A 121 12.69 24.49 27.16
C TYR A 121 13.34 24.69 25.80
N GLN A 122 13.22 23.71 24.91
CA GLN A 122 13.79 23.84 23.58
C GLN A 122 12.73 23.97 22.51
N ASN A 123 11.47 23.92 22.92
CA ASN A 123 10.35 24.05 22.00
C ASN A 123 10.37 22.95 20.93
N ILE A 124 10.90 21.79 21.31
CA ILE A 124 11.00 20.66 20.40
C ILE A 124 10.19 19.45 20.88
N LEU A 125 9.34 18.91 20.03
CA LEU A 125 8.67 17.65 20.32
C LEU A 125 9.52 16.53 19.73
N GLY A 126 10.27 15.85 20.58
CA GLY A 126 11.27 14.90 20.13
C GLY A 126 10.80 13.46 20.21
N THR A 127 11.77 12.54 20.30
CA THR A 127 11.47 11.11 20.31
C THR A 127 12.31 10.40 21.35
N TYR A 128 11.83 9.26 21.84
CA TYR A 128 12.67 8.36 22.63
C TYR A 128 13.75 7.75 21.76
N SER A 129 14.90 7.44 22.35
CA SER A 129 15.96 6.74 21.63
C SER A 129 15.57 5.27 21.43
N ASN A 130 14.89 4.70 22.42
CA ASN A 130 14.28 3.38 22.30
C ASN A 130 13.10 3.39 21.32
N PRO A 131 13.24 2.69 20.17
CA PRO A 131 12.18 2.69 19.15
C PRO A 131 10.86 2.03 19.61
N LYS A 132 10.88 1.21 20.66
CA LYS A 132 9.65 0.56 21.12
C LYS A 132 8.79 1.50 21.96
N LYS A 133 9.33 2.66 22.32
CA LYS A 133 8.58 3.63 23.11
C LYS A 133 8.21 4.78 22.21
N ASN A 134 7.03 5.34 22.41
CA ASN A 134 6.52 6.40 21.54
C ASN A 134 6.16 7.64 22.35
N PHE A 135 7.05 8.64 22.37
CA PHE A 135 6.87 9.78 23.26
C PHE A 135 5.61 10.58 22.95
N LYS A 136 5.37 10.82 21.66
CA LYS A 136 4.20 11.57 21.23
C LYS A 136 2.90 10.95 21.71
N PHE A 137 2.82 9.63 21.63
CA PHE A 137 1.57 8.96 21.97
C PHE A 137 1.39 8.83 23.48
N GLN A 138 2.49 8.68 24.20
CA GLN A 138 2.43 8.73 25.67
C GLN A 138 1.95 10.11 26.09
N LEU A 139 2.53 11.13 25.46
CA LEU A 139 2.18 12.51 25.74
C LEU A 139 0.71 12.76 25.45
N ALA A 140 0.24 12.30 24.30
CA ALA A 140 -1.16 12.51 23.94
C ALA A 140 -2.10 11.86 24.97
N LEU A 141 -1.78 10.63 25.41
CA LEU A 141 -2.63 9.94 26.38
C LEU A 141 -2.64 10.70 27.72
N ASP A 142 -1.47 11.13 28.15
CA ASP A 142 -1.31 11.87 29.41
C ASP A 142 -2.14 13.16 29.36
N ILE A 143 -2.09 13.86 28.22
CA ILE A 143 -2.86 15.08 28.04
C ILE A 143 -4.37 14.83 28.08
N LEU A 144 -4.85 13.78 27.43
CA LEU A 144 -6.28 13.44 27.53
C LEU A 144 -6.69 13.20 28.97
N LYS A 145 -5.86 12.48 29.73
CA LYS A 145 -6.23 12.11 31.09
C LYS A 145 -6.22 13.31 32.03
N LYS A 146 -5.49 14.34 31.64
CA LYS A 146 -5.34 15.54 32.44
C LYS A 146 -6.17 16.74 31.96
N SER A 147 -6.87 16.61 30.84
CA SER A 147 -7.60 17.77 30.31
C SER A 147 -9.04 17.45 29.91
N LEU A 148 -9.99 17.89 30.73
CA LEU A 148 -11.42 17.73 30.43
C LEU A 148 -11.77 18.29 29.06
N VAL A 149 -11.24 19.47 28.77
CA VAL A 149 -11.46 20.12 27.48
C VAL A 149 -11.01 19.26 26.31
N ALA A 150 -9.86 18.60 26.48
CA ALA A 150 -9.34 17.70 25.45
C ALA A 150 -10.29 16.51 25.28
N ARG A 151 -10.70 15.91 26.39
CA ARG A 151 -11.62 14.77 26.33
C ARG A 151 -12.94 15.17 25.70
N GLN A 152 -13.46 16.34 26.08
CA GLN A 152 -14.73 16.82 25.53
C GLN A 152 -14.64 17.06 24.02
N TYR A 153 -13.51 17.61 23.56
CA TYR A 153 -13.33 17.82 22.12
C TYR A 153 -13.30 16.50 21.37
N ILE A 154 -12.41 15.58 21.77
CA ILE A 154 -12.27 14.31 21.04
C ILE A 154 -13.61 13.52 21.11
N PHE A 155 -14.24 13.53 22.28
CA PHE A 155 -15.53 12.85 22.49
C PHE A 155 -16.59 13.34 21.50
N SER A 156 -16.73 14.65 21.38
CA SER A 156 -17.79 15.18 20.52
C SER A 156 -17.41 15.28 19.04
N LYS A 157 -16.14 15.04 18.71
CA LYS A 157 -15.66 15.19 17.34
C LYS A 157 -15.76 13.90 16.54
N TYR A 158 -15.30 12.81 17.13
CA TYR A 158 -15.13 11.57 16.38
C TYR A 158 -16.10 10.46 16.84
N PHE A 159 -16.63 9.70 15.88
CA PHE A 159 -17.40 8.51 16.23
C PHE A 159 -16.65 7.23 15.85
N LYS A 160 -15.65 7.36 14.97
CA LYS A 160 -14.92 6.19 14.53
C LYS A 160 -13.52 6.58 14.03
N ILE A 161 -12.55 5.72 14.28
CA ILE A 161 -11.17 5.93 13.84
C ILE A 161 -10.72 4.70 13.07
N PHE A 162 -10.13 4.93 11.90
CA PHE A 162 -9.63 3.87 11.02
C PHE A 162 -8.11 3.80 11.13
N ILE A 163 -7.56 2.62 11.38
CA ILE A 163 -6.15 2.46 11.68
C ILE A 163 -5.49 1.40 10.81
N ASP A 164 -4.48 1.81 10.06
CA ASP A 164 -3.80 0.96 9.10
C ASP A 164 -2.58 0.25 9.69
N GLU A 165 -2.17 -0.87 9.08
CA GLU A 165 -0.93 -1.58 9.45
C GLU A 165 -0.76 -1.81 10.95
N TYR A 166 -1.79 -2.32 11.61
CA TYR A 166 -1.78 -2.37 13.07
C TYR A 166 -0.73 -3.28 13.64
N GLN A 167 -0.24 -4.23 12.83
CA GLN A 167 0.82 -5.13 13.29
C GLN A 167 2.12 -4.36 13.58
N ASP A 168 2.21 -3.14 13.05
CA ASP A 168 3.41 -2.34 13.23
C ASP A 168 3.28 -1.31 14.36
N SER A 169 2.11 -1.25 14.99
CA SER A 169 1.88 -0.27 16.05
C SER A 169 2.70 -0.57 17.30
N ASP A 170 3.16 0.46 17.97
CA ASP A 170 3.91 0.27 19.22
C ASP A 170 2.94 0.21 20.40
N LYS A 171 3.43 -0.22 21.56
CA LYS A 171 2.60 -0.36 22.75
C LYS A 171 1.88 0.94 23.14
N ASP A 172 2.53 2.09 22.96
CA ASP A 172 1.92 3.37 23.38
C ASP A 172 0.81 3.82 22.44
N MSE A 173 0.93 3.50 21.16
CA MSE A 173 -0.14 3.77 20.21
C MSE A 173 -1.37 2.98 20.63
O MSE A 173 -2.49 3.51 20.70
CB MSE A 173 0.27 3.39 18.78
CG MSE A 173 1.38 4.28 18.25
SE MSE A 173 2.05 3.67 16.49
CE MSE A 173 0.32 3.58 15.55
N HIS A 174 -1.14 1.71 20.90
CA HIS A 174 -2.18 0.80 21.34
C HIS A 174 -2.86 1.33 22.61
N ASN A 175 -2.07 1.76 23.61
CA ASN A 175 -2.67 2.32 24.82
C ASN A 175 -3.60 3.49 24.51
N LEU A 176 -3.20 4.37 23.60
CA LEU A 176 -4.03 5.53 23.27
C LEU A 176 -5.32 5.10 22.56
N PHE A 177 -5.20 4.23 21.57
CA PHE A 177 -6.37 3.80 20.82
C PHE A 177 -7.37 3.07 21.73
N MSE A 178 -6.90 2.18 22.60
CA MSE A 178 -7.79 1.51 23.55
C MSE A 178 -8.51 2.51 24.45
O MSE A 178 -9.69 2.36 24.74
CB MSE A 178 -7.03 0.50 24.43
CG MSE A 178 -6.41 -0.65 23.68
SE MSE A 178 -7.69 -1.69 22.61
CE MSE A 178 -7.31 -0.93 20.85
N TYR A 179 -7.80 3.54 24.87
CA TYR A 179 -8.40 4.59 25.69
C TYR A 179 -9.52 5.31 24.91
N LEU A 180 -9.24 5.62 23.64
CA LEU A 180 -10.25 6.26 22.78
C LEU A 180 -11.50 5.40 22.71
N LYS A 181 -11.29 4.09 22.54
CA LYS A 181 -12.38 3.13 22.50
C LYS A 181 -13.12 3.04 23.83
N ASP A 182 -12.37 2.85 24.90
CA ASP A 182 -12.94 2.48 26.21
C ASP A 182 -13.41 3.67 27.05
N GLN A 183 -12.89 4.86 26.78
CA GLN A 183 -13.28 6.03 27.58
C GLN A 183 -14.06 7.08 26.77
N LEU A 184 -13.73 7.26 25.49
CA LEU A 184 -14.35 8.34 24.72
C LEU A 184 -15.35 7.83 23.68
N LYS A 185 -15.73 6.55 23.80
CA LYS A 185 -16.82 5.99 23.02
C LYS A 185 -16.61 6.15 21.52
N ILE A 186 -15.39 5.87 21.09
CA ILE A 186 -15.06 5.90 19.67
C ILE A 186 -14.90 4.47 19.17
N LYS A 187 -15.59 4.13 18.09
CA LYS A 187 -15.42 2.81 17.48
C LYS A 187 -14.06 2.77 16.79
N LEU A 188 -13.46 1.57 16.75
CA LEU A 188 -12.19 1.37 16.06
C LEU A 188 -12.34 0.42 14.87
N PHE A 189 -11.79 0.81 13.72
CA PHE A 189 -11.74 -0.06 12.54
C PHE A 189 -10.26 -0.31 12.25
N ILE A 190 -9.81 -1.54 12.49
CA ILE A 190 -8.41 -1.83 12.52
C ILE A 190 -7.98 -2.88 11.48
N VAL A 191 -7.03 -2.49 10.64
CA VAL A 191 -6.51 -3.36 9.60
C VAL A 191 -5.05 -3.70 9.88
N GLY A 192 -4.69 -4.97 9.69
CA GLY A 192 -3.32 -5.38 9.88
C GLY A 192 -3.02 -6.75 9.30
N ASP A 193 -1.75 -7.14 9.40
CA ASP A 193 -1.28 -8.40 8.87
C ASP A 193 -0.48 -9.14 9.92
N PRO A 194 -0.99 -10.28 10.39
CA PRO A 194 -0.12 -11.10 11.23
C PRO A 194 0.80 -11.95 10.35
N TRP A 201 8.82 -2.84 10.95
CA TRP A 201 8.93 -1.53 11.61
C TRP A 201 9.60 -1.64 12.97
N ARG A 202 10.53 -0.71 13.23
CA ARG A 202 11.35 -0.76 14.43
C ARG A 202 10.55 -0.55 15.71
N GLY A 203 9.45 0.19 15.63
CA GLY A 203 8.59 0.39 16.80
C GLY A 203 7.57 -0.70 17.07
N ALA A 204 7.53 -1.72 16.22
CA ALA A 204 6.40 -2.66 16.20
C ALA A 204 6.29 -3.57 17.42
N GLU A 205 5.07 -3.69 17.95
CA GLU A 205 4.76 -4.68 18.96
C GLU A 205 3.61 -5.53 18.41
N PRO A 206 3.96 -6.65 17.76
CA PRO A 206 2.95 -7.50 17.09
C PRO A 206 1.89 -8.05 18.05
N GLU A 207 2.23 -8.11 19.34
CA GLU A 207 1.27 -8.58 20.33
C GLU A 207 0.03 -7.68 20.43
N ASN A 208 0.14 -6.39 20.09
CA ASN A 208 -1.04 -5.52 20.10
C ASN A 208 -2.16 -6.14 19.25
N PHE A 209 -1.85 -6.33 17.97
CA PHE A 209 -2.80 -6.84 17.00
C PHE A 209 -3.17 -8.30 17.29
N ASN A 210 -2.17 -9.13 17.59
CA ASN A 210 -2.43 -10.52 17.91
C ASN A 210 -3.30 -10.68 19.14
N GLY A 211 -3.08 -9.81 20.12
CA GLY A 211 -3.81 -9.88 21.37
C GLY A 211 -5.28 -9.63 21.12
N LEU A 212 -5.58 -8.64 20.28
CA LEU A 212 -6.95 -8.31 19.93
C LEU A 212 -7.63 -9.45 19.19
N ILE A 213 -6.91 -10.08 18.29
CA ILE A 213 -7.44 -11.18 17.52
C ILE A 213 -7.78 -12.36 18.43
N GLU A 214 -6.87 -12.71 19.31
CA GLU A 214 -7.03 -13.91 20.12
C GLU A 214 -7.93 -13.71 21.37
N ASN A 215 -8.00 -12.49 21.89
CA ASN A 215 -8.61 -12.29 23.19
C ASN A 215 -9.80 -11.34 23.23
N SER A 216 -9.84 -10.33 22.37
CA SER A 216 -10.83 -9.27 22.54
C SER A 216 -12.25 -9.76 22.26
N THR A 217 -13.18 -9.36 23.12
CA THR A 217 -14.58 -9.73 22.93
C THR A 217 -15.44 -8.58 22.40
N ASP A 218 -14.84 -7.43 22.09
CA ASP A 218 -15.68 -6.31 21.63
C ASP A 218 -15.39 -5.92 20.18
N PHE A 219 -14.78 -6.83 19.43
CA PHE A 219 -14.51 -6.64 18.00
C PHE A 219 -15.15 -7.75 17.19
N ASN A 220 -15.73 -7.42 16.04
CA ASN A 220 -15.96 -8.44 15.03
C ASN A 220 -14.70 -8.57 14.18
N LYS A 221 -14.38 -9.80 13.78
CA LYS A 221 -13.10 -10.11 13.17
C LYS A 221 -13.29 -10.76 11.81
N TYR A 222 -12.64 -10.22 10.79
CA TYR A 222 -12.76 -10.74 9.43
C TYR A 222 -11.39 -11.06 8.86
N HIS A 223 -11.34 -12.01 7.93
CA HIS A 223 -10.11 -12.24 7.18
C HIS A 223 -10.36 -12.04 5.70
N LEU A 224 -9.53 -11.22 5.07
CA LEU A 224 -9.59 -10.98 3.63
C LEU A 224 -8.38 -11.58 2.93
N THR A 225 -8.60 -12.17 1.76
CA THR A 225 -7.50 -12.63 0.92
C THR A 225 -6.92 -11.49 0.11
N SER A 226 -5.77 -11.71 -0.51
CA SER A 226 -5.09 -10.65 -1.27
C SER A 226 -5.87 -10.12 -2.49
N ASN A 227 -6.78 -10.90 -3.08
CA ASN A 227 -7.52 -10.39 -4.23
C ASN A 227 -8.85 -9.70 -3.90
N PHE A 228 -9.02 -9.34 -2.63
CA PHE A 228 -10.27 -8.71 -2.22
C PHE A 228 -10.55 -7.42 -3.04
N ARG A 229 -9.46 -6.72 -3.37
CA ARG A 229 -9.51 -5.50 -4.17
C ARG A 229 -10.26 -5.67 -5.50
N CYS A 230 -10.17 -6.87 -6.04
CA CYS A 230 -10.69 -7.14 -7.38
C CYS A 230 -12.22 -7.22 -7.41
N CYS A 231 -12.82 -7.00 -8.57
CA CYS A 231 -14.26 -7.15 -8.69
C CYS A 231 -14.59 -8.61 -8.48
N GLN A 232 -15.85 -8.88 -8.17
CA GLN A 232 -16.32 -10.24 -7.90
C GLN A 232 -15.93 -11.26 -8.99
N ASP A 233 -16.06 -10.88 -10.26
CA ASP A 233 -15.71 -11.81 -11.35
C ASP A 233 -14.23 -12.22 -11.29
N ILE A 234 -13.37 -11.24 -11.02
CA ILE A 234 -11.94 -11.48 -11.01
C ILE A 234 -11.55 -12.27 -9.74
N GLN A 235 -12.22 -11.99 -8.62
CA GLN A 235 -11.99 -12.80 -7.41
C GLN A 235 -12.37 -14.24 -7.65
N ASN A 236 -13.53 -14.42 -8.28
CA ASN A 236 -14.08 -15.74 -8.55
C ASN A 236 -13.15 -16.56 -9.41
N TYR A 237 -12.63 -15.94 -10.46
CA TYR A 237 -11.81 -16.67 -11.41
C TYR A 237 -10.48 -17.05 -10.75
N SER A 238 -9.86 -16.08 -10.11
CA SER A 238 -8.55 -16.33 -9.52
C SER A 238 -8.63 -17.32 -8.35
N ASN A 239 -9.77 -17.33 -7.65
CA ASN A 239 -9.99 -18.25 -6.54
C ASN A 239 -10.27 -19.68 -6.97
N LEU A 240 -10.58 -19.87 -8.25
CA LEU A 240 -10.91 -21.20 -8.77
C LEU A 240 -9.73 -22.18 -8.71
N PHE A 241 -8.52 -21.65 -8.86
CA PHE A 241 -7.40 -22.51 -9.24
C PHE A 241 -6.73 -23.18 -8.04
N ASN A 242 -6.81 -22.56 -6.88
CA ASN A 242 -6.27 -23.16 -5.67
C ASN A 242 -7.36 -23.86 -4.89
N GLU A 243 -7.13 -25.12 -4.52
CA GLU A 243 -8.10 -25.88 -3.74
C GLU A 243 -8.54 -25.10 -2.50
N GLU A 244 -7.62 -24.36 -1.90
CA GLU A 244 -7.91 -23.63 -0.66
C GLU A 244 -8.85 -22.42 -0.81
N THR A 245 -8.95 -21.86 -2.01
CA THR A 245 -9.77 -20.64 -2.19
C THR A 245 -11.08 -20.89 -2.94
N ARG A 246 -11.29 -22.13 -3.39
CA ARG A 246 -12.49 -22.45 -4.16
C ARG A 246 -13.77 -22.20 -3.37
N SER A 247 -13.74 -22.43 -2.07
CA SER A 247 -14.91 -22.26 -1.22
C SER A 247 -15.33 -20.78 -1.17
N LEU A 248 -14.41 -19.89 -1.50
CA LEU A 248 -14.67 -18.46 -1.46
C LEU A 248 -15.50 -17.96 -2.62
N ILE A 249 -15.69 -18.82 -3.61
CA ILE A 249 -16.34 -18.41 -4.85
C ILE A 249 -17.82 -18.14 -4.63
N LYS A 250 -18.27 -16.94 -4.97
CA LYS A 250 -19.69 -16.64 -4.97
C LYS A 250 -20.14 -16.47 -6.41
N GLU A 251 -20.69 -17.53 -6.98
CA GLU A 251 -21.03 -17.60 -8.38
C GLU A 251 -22.05 -16.54 -8.78
N LYS A 252 -21.83 -15.92 -9.93
CA LYS A 252 -22.77 -14.96 -10.46
C LYS A 252 -23.57 -15.59 -11.61
N ASN A 253 -24.77 -15.07 -11.84
CA ASN A 253 -25.60 -15.61 -12.89
C ASN A 253 -24.94 -15.49 -14.26
N GLU A 254 -24.26 -14.36 -14.47
CA GLU A 254 -23.50 -14.09 -15.68
C GLU A 254 -22.16 -13.44 -15.31
N VAL A 255 -21.14 -13.68 -16.12
CA VAL A 255 -19.82 -13.07 -15.91
C VAL A 255 -19.61 -11.92 -16.89
N GLN A 256 -19.17 -10.76 -16.39
CA GLN A 256 -18.91 -9.62 -17.25
C GLN A 256 -17.43 -9.28 -17.40
N ASN A 257 -16.66 -9.43 -16.33
CA ASN A 257 -15.36 -8.78 -16.24
C ASN A 257 -14.13 -9.68 -16.35
N VAL A 258 -14.35 -10.97 -16.50
CA VAL A 258 -13.28 -11.88 -16.90
C VAL A 258 -13.69 -12.47 -18.23
N ILE A 259 -12.83 -12.32 -19.22
CA ILE A 259 -13.20 -12.68 -20.59
C ILE A 259 -12.17 -13.59 -21.24
N SER A 260 -12.68 -14.59 -21.95
CA SER A 260 -11.89 -15.55 -22.72
C SER A 260 -11.93 -15.17 -24.21
N ILE A 261 -10.78 -15.20 -24.88
CA ILE A 261 -10.75 -14.96 -26.33
C ILE A 261 -9.81 -15.96 -27.02
N ALA A 262 -10.28 -16.55 -28.12
CA ALA A 262 -9.46 -17.48 -28.92
C ALA A 262 -8.18 -16.85 -29.49
N ASP A 263 -7.12 -17.65 -29.53
CA ASP A 263 -5.89 -17.28 -30.23
C ASP A 263 -5.97 -17.68 -31.71
N ASP A 264 -6.96 -17.15 -32.43
CA ASP A 264 -7.15 -17.53 -33.82
C ASP A 264 -6.73 -16.42 -34.80
N MSE A 265 -5.99 -15.45 -34.28
CA MSE A 265 -5.58 -14.28 -35.04
C MSE A 265 -4.39 -13.60 -34.37
O MSE A 265 -4.13 -13.86 -33.19
CB MSE A 265 -6.76 -13.31 -35.20
CG MSE A 265 -7.56 -13.07 -33.94
SE MSE A 265 -8.96 -11.73 -34.24
CE MSE A 265 -9.67 -12.47 -35.88
N PRO A 266 -3.64 -12.77 -35.12
CA PRO A 266 -2.48 -12.07 -34.54
C PRO A 266 -2.86 -11.18 -33.34
N ILE A 267 -1.91 -10.94 -32.44
CA ILE A 267 -2.20 -10.22 -31.20
C ILE A 267 -2.79 -8.83 -31.48
N SER A 268 -2.36 -8.20 -32.56
CA SER A 268 -2.89 -6.88 -32.95
C SER A 268 -4.36 -6.97 -33.33
N ASP A 269 -4.75 -8.01 -34.06
CA ASP A 269 -6.16 -8.25 -34.38
C ASP A 269 -6.94 -8.60 -33.11
N ILE A 270 -6.33 -9.40 -32.24
CA ILE A 270 -6.95 -9.74 -30.97
C ILE A 270 -7.23 -8.45 -30.18
N LEU A 271 -6.27 -7.54 -30.17
CA LEU A 271 -6.46 -6.29 -29.43
C LEU A 271 -7.56 -5.41 -30.06
N LEU A 272 -7.58 -5.35 -31.39
CA LEU A 272 -8.60 -4.58 -32.09
C LEU A 272 -9.99 -5.16 -31.84
N LYS A 273 -10.08 -6.48 -31.85
CA LYS A 273 -11.34 -7.16 -31.54
C LYS A 273 -11.83 -6.83 -30.11
N LEU A 274 -10.91 -6.82 -29.16
CA LEU A 274 -11.24 -6.56 -27.76
C LEU A 274 -11.68 -5.12 -27.56
N THR A 275 -11.01 -4.19 -28.25
CA THR A 275 -11.24 -2.77 -28.01
C THR A 275 -12.33 -2.16 -28.90
N GLU A 276 -12.28 -2.42 -30.20
CA GLU A 276 -13.20 -1.71 -31.11
C GLU A 276 -14.42 -2.52 -31.49
N GLU A 277 -14.23 -3.81 -31.72
CA GLU A 277 -15.31 -4.69 -32.17
C GLU A 277 -16.24 -5.10 -31.02
N LYS A 278 -15.69 -5.71 -29.98
CA LYS A 278 -16.49 -6.17 -28.84
C LYS A 278 -16.59 -5.12 -27.73
N GLN A 279 -15.69 -4.15 -27.75
CA GLN A 279 -15.65 -3.07 -26.77
C GLN A 279 -15.65 -3.55 -25.31
N VAL A 280 -14.93 -4.63 -25.04
CA VAL A 280 -14.78 -5.12 -23.68
C VAL A 280 -13.50 -4.56 -23.05
N LEU A 281 -12.68 -3.90 -23.86
CA LEU A 281 -11.55 -3.15 -23.33
C LEU A 281 -11.63 -1.71 -23.75
N ASN A 282 -11.16 -0.81 -22.89
CA ASN A 282 -11.13 0.60 -23.22
C ASN A 282 -9.69 1.03 -23.52
N ILE A 283 -9.43 1.31 -24.79
CA ILE A 283 -8.07 1.63 -25.25
C ILE A 283 -7.58 2.96 -24.66
N GLU A 284 -8.53 3.77 -24.21
CA GLU A 284 -8.20 5.06 -23.63
C GLU A 284 -7.84 4.97 -22.14
N ALA A 285 -8.09 3.82 -21.51
CA ALA A 285 -7.68 3.62 -20.12
C ALA A 285 -6.39 2.78 -20.03
N GLU A 286 -5.84 2.70 -18.83
CA GLU A 286 -4.63 1.90 -18.62
C GLU A 286 -4.88 0.46 -19.05
N LEU A 287 -3.91 -0.10 -19.76
CA LEU A 287 -4.04 -1.45 -20.29
C LEU A 287 -2.68 -2.14 -20.24
N VAL A 288 -2.62 -3.25 -19.54
CA VAL A 288 -1.36 -3.93 -19.33
C VAL A 288 -1.39 -5.36 -19.86
N ILE A 289 -0.37 -5.72 -20.62
CA ILE A 289 -0.19 -7.10 -21.04
C ILE A 289 0.86 -7.76 -20.15
N LEU A 290 0.54 -8.90 -19.55
CA LEU A 290 1.52 -9.60 -18.73
C LEU A 290 2.13 -10.74 -19.50
N VAL A 291 3.46 -10.85 -19.42
CA VAL A 291 4.19 -11.96 -20.00
C VAL A 291 5.05 -12.64 -18.92
N ARG A 292 5.74 -13.71 -19.30
CA ARG A 292 6.67 -14.39 -18.41
C ARG A 292 8.13 -13.96 -18.64
N ARG A 293 8.44 -13.54 -19.86
CA ARG A 293 9.82 -13.24 -20.26
C ARG A 293 9.90 -12.01 -21.14
N ARG A 294 11.03 -11.30 -21.05
CA ARG A 294 11.30 -10.14 -21.88
C ARG A 294 11.11 -10.45 -23.37
N ASN A 295 11.58 -11.63 -23.81
CA ASN A 295 11.55 -11.93 -25.24
C ASN A 295 10.11 -12.00 -25.78
N GLN A 296 9.17 -12.46 -24.96
CA GLN A 296 7.74 -12.43 -25.34
C GLN A 296 7.27 -11.00 -25.53
N ALA A 297 7.70 -10.12 -24.64
CA ALA A 297 7.33 -8.72 -24.70
C ALA A 297 7.83 -8.10 -26.00
N ILE A 298 9.07 -8.44 -26.36
CA ILE A 298 9.66 -7.97 -27.62
C ILE A 298 8.84 -8.45 -28.81
N GLU A 299 8.53 -9.74 -28.83
CA GLU A 299 7.67 -10.31 -29.87
C GLU A 299 6.40 -9.50 -29.99
N ILE A 300 5.74 -9.27 -28.85
CA ILE A 300 4.44 -8.62 -28.85
C ILE A 300 4.56 -7.17 -29.31
N MSE A 301 5.58 -6.46 -28.83
CA MSE A 301 5.84 -5.08 -29.27
C MSE A 301 6.17 -4.96 -30.76
O MSE A 301 5.75 -4.01 -31.42
CB MSE A 301 6.97 -4.47 -28.47
CG MSE A 301 6.50 -3.75 -27.23
SE MSE A 301 7.96 -2.76 -26.45
CE MSE A 301 9.19 -4.26 -26.22
N LYS A 302 6.92 -5.92 -31.26
CA LYS A 302 7.29 -5.95 -32.68
C LYS A 302 6.05 -5.98 -33.58
N GLU A 303 4.99 -6.62 -33.10
CA GLU A 303 3.73 -6.64 -33.83
C GLU A 303 2.84 -5.43 -33.55
N LEU A 304 2.60 -5.18 -32.27
CA LEU A 304 1.59 -4.21 -31.84
C LEU A 304 1.91 -2.80 -32.31
N ASN A 305 3.17 -2.41 -32.15
CA ASN A 305 3.57 -1.04 -32.41
C ASN A 305 3.74 -0.80 -33.91
N GLU A 306 3.76 -1.88 -34.70
CA GLU A 306 3.72 -1.76 -36.16
C GLU A 306 2.29 -1.66 -36.67
N GLU A 307 1.32 -1.96 -35.81
CA GLU A 307 -0.08 -1.91 -36.22
C GLU A 307 -0.83 -0.79 -35.51
N GLY A 308 -0.10 0.28 -35.19
CA GLY A 308 -0.72 1.50 -34.70
C GLY A 308 -0.82 1.62 -33.20
N PHE A 309 -0.47 0.57 -32.48
CA PHE A 309 -0.48 0.65 -31.03
C PHE A 309 0.85 1.22 -30.56
N ASN A 310 0.90 1.53 -29.27
CA ASN A 310 2.08 2.15 -28.72
C ASN A 310 2.34 1.60 -27.32
N PHE A 311 2.80 0.35 -27.25
CA PHE A 311 3.08 -0.28 -25.97
C PHE A 311 4.55 -0.15 -25.60
N ILE A 312 4.82 -0.04 -24.31
CA ILE A 312 6.19 -0.06 -23.84
C ILE A 312 6.42 -1.20 -22.84
N PHE A 313 7.57 -1.84 -22.94
CA PHE A 313 7.92 -2.90 -22.00
C PHE A 313 8.68 -2.33 -20.80
N ILE A 314 8.17 -2.63 -19.61
CA ILE A 314 8.80 -2.24 -18.35
C ILE A 314 9.66 -3.40 -17.82
N PRO A 315 11.00 -3.26 -17.90
CA PRO A 315 11.89 -4.38 -17.58
C PRO A 315 11.94 -4.71 -16.11
N GLN A 316 12.26 -5.96 -15.77
CA GLN A 316 12.58 -6.31 -14.40
C GLN A 316 13.90 -5.69 -14.01
N THR A 317 14.03 -5.27 -12.75
CA THR A 317 15.26 -4.65 -12.28
C THR A 317 15.81 -5.39 -11.07
N PRO A 318 17.09 -5.18 -10.74
CA PRO A 318 17.68 -5.80 -9.55
C PRO A 318 16.98 -5.42 -8.24
N LEU A 319 16.23 -4.32 -8.23
CA LEU A 319 15.52 -3.92 -7.02
C LEU A 319 14.17 -4.64 -6.87
N ASP A 320 13.72 -5.32 -7.93
CA ASP A 320 12.48 -6.11 -7.85
C ASP A 320 12.70 -7.42 -7.07
N ARG A 321 13.21 -7.29 -5.86
CA ARG A 321 13.28 -8.40 -4.92
C ARG A 321 12.51 -7.99 -3.69
N ALA A 322 11.99 -8.97 -2.97
CA ALA A 322 11.35 -8.71 -1.69
C ALA A 322 12.41 -8.49 -0.63
N THR A 323 12.90 -7.26 -0.53
CA THR A 323 13.89 -6.92 0.49
C THR A 323 13.25 -5.85 1.37
N PRO A 324 13.74 -5.68 2.61
CA PRO A 324 13.02 -4.80 3.55
C PRO A 324 12.91 -3.35 3.07
N ASN A 325 13.91 -2.86 2.36
CA ASN A 325 13.94 -1.44 2.02
C ASN A 325 13.71 -1.19 0.54
N ALA A 326 13.07 -2.14 -0.12
CA ALA A 326 12.88 -2.07 -1.56
C ALA A 326 12.15 -0.80 -1.97
N THR A 327 11.15 -0.41 -1.19
CA THR A 327 10.34 0.75 -1.57
C THR A 327 11.15 2.07 -1.54
N LEU A 328 11.85 2.30 -0.44
CA LEU A 328 12.64 3.51 -0.31
C LEU A 328 13.78 3.54 -1.37
N LEU A 329 14.42 2.39 -1.58
CA LEU A 329 15.52 2.31 -2.54
C LEU A 329 15.03 2.65 -3.95
N LYS A 330 13.84 2.16 -4.30
CA LYS A 330 13.30 2.48 -5.62
C LYS A 330 12.98 3.98 -5.71
N GLU A 331 12.45 4.55 -4.63
CA GLU A 331 12.20 6.00 -4.58
C GLU A 331 13.48 6.83 -4.79
N VAL A 332 14.56 6.42 -4.12
CA VAL A 332 15.84 7.12 -4.27
C VAL A 332 16.28 7.05 -5.72
N ILE A 333 16.20 5.87 -6.33
CA ILE A 333 16.55 5.75 -7.75
C ILE A 333 15.69 6.68 -8.63
N LYS A 334 14.37 6.70 -8.38
CA LYS A 334 13.46 7.57 -9.13
C LYS A 334 13.93 9.02 -9.05
N TYR A 335 14.27 9.45 -7.85
CA TYR A 335 14.71 10.82 -7.65
C TYR A 335 16.00 11.10 -8.40
N VAL A 336 16.97 10.20 -8.23
CA VAL A 336 18.28 10.41 -8.87
C VAL A 336 18.15 10.48 -10.39
N LYS A 337 17.33 9.61 -10.97
CA LYS A 337 17.33 9.49 -12.44
C LYS A 337 16.35 10.45 -13.12
N ASN A 338 15.41 10.99 -12.36
CA ASN A 338 14.40 11.88 -12.94
C ASN A 338 14.44 13.26 -12.30
N ASP A 339 14.91 14.26 -13.03
CA ASP A 339 15.15 15.55 -12.41
C ASP A 339 13.84 16.28 -12.11
N ARG A 340 12.73 15.76 -12.59
CA ARG A 340 11.44 16.39 -12.30
C ARG A 340 10.74 15.71 -11.13
N TYR A 341 11.33 14.65 -10.59
CA TYR A 341 10.70 13.93 -9.47
C TYR A 341 10.95 14.65 -8.15
N SER A 342 9.89 14.88 -7.39
CA SER A 342 9.98 15.70 -6.19
C SER A 342 10.47 14.92 -4.99
N ILE A 343 11.42 15.49 -4.24
CA ILE A 343 11.89 14.87 -3.00
C ILE A 343 10.71 14.60 -2.03
N TYR A 344 9.65 15.40 -2.11
CA TYR A 344 8.49 15.21 -1.22
C TYR A 344 7.71 13.94 -1.54
N ASP A 345 7.76 13.48 -2.78
CA ASP A 345 7.11 12.22 -3.09
C ASP A 345 7.95 11.07 -2.54
N LEU A 346 9.27 11.19 -2.60
CA LEU A 346 10.15 10.22 -1.94
C LEU A 346 9.84 10.22 -0.43
N ALA A 347 9.73 11.41 0.14
CA ALA A 347 9.59 11.53 1.60
C ALA A 347 8.23 10.99 2.07
N ALA A 348 7.24 11.03 1.19
CA ALA A 348 5.92 10.53 1.55
C ALA A 348 5.99 9.03 1.93
N GLU A 349 7.02 8.34 1.45
CA GLU A 349 7.18 6.92 1.74
C GLU A 349 7.90 6.65 3.05
N ILE A 350 8.40 7.71 3.69
CA ILE A 350 9.11 7.54 4.94
C ILE A 350 8.11 7.59 6.08
N VAL A 351 8.24 6.67 7.03
CA VAL A 351 7.33 6.64 8.17
C VAL A 351 7.46 7.92 8.98
N GLY A 352 6.35 8.57 9.25
CA GLY A 352 6.35 9.74 10.11
C GLY A 352 5.85 10.94 9.35
N ASN A 353 5.76 12.07 10.04
CA ASN A 353 5.29 13.28 9.39
C ASN A 353 6.39 14.34 9.31
N LEU A 354 7.48 14.02 8.60
CA LEU A 354 8.66 14.89 8.54
C LEU A 354 8.36 16.30 8.03
N SER A 355 8.91 17.30 8.70
CA SER A 355 8.82 18.68 8.22
C SER A 355 9.66 18.85 6.95
N SER A 356 9.40 19.91 6.19
CA SER A 356 10.19 20.14 4.97
C SER A 356 11.67 20.35 5.32
N ARG A 357 11.94 20.86 6.52
CA ARG A 357 13.31 21.03 6.98
C ARG A 357 14.05 19.70 7.06
N GLU A 358 13.43 18.70 7.67
CA GLU A 358 14.04 17.38 7.78
C GLU A 358 14.11 16.67 6.44
N ILE A 359 13.08 16.86 5.62
CA ILE A 359 13.09 16.26 4.29
C ILE A 359 14.27 16.83 3.51
N LYS A 360 14.51 18.12 3.69
CA LYS A 360 15.65 18.76 3.04
C LYS A 360 17.00 18.21 3.54
N GLU A 361 17.06 17.77 4.80
CA GLU A 361 18.28 17.13 5.30
C GLU A 361 18.50 15.79 4.60
N ILE A 362 17.41 15.07 4.39
CA ILE A 362 17.49 13.84 3.61
C ILE A 362 17.89 14.14 2.15
N GLN A 363 17.30 15.19 1.57
CA GLN A 363 17.61 15.58 0.19
C GLN A 363 19.08 15.87 0.02
N LYS A 364 19.65 16.60 0.99
CA LYS A 364 21.05 16.98 0.98
C LYS A 364 21.96 15.74 0.92
N ILE A 365 21.62 14.71 1.71
CA ILE A 365 22.37 13.46 1.69
C ILE A 365 22.27 12.76 0.33
N ILE A 366 21.05 12.63 -0.16
CA ILE A 366 20.79 11.91 -1.41
C ILE A 366 21.38 12.64 -2.61
N ASN A 367 21.41 13.97 -2.57
CA ASN A 367 21.96 14.77 -3.67
C ASN A 367 23.43 14.47 -3.99
N GLU A 368 24.13 13.86 -3.04
CA GLU A 368 25.53 13.51 -3.27
C GLU A 368 25.65 12.37 -4.30
N LEU A 369 24.52 11.75 -4.64
CA LEU A 369 24.52 10.78 -5.73
C LEU A 369 24.53 11.47 -7.08
N LEU A 370 24.40 12.79 -7.07
CA LEU A 370 24.32 13.54 -8.33
C LEU A 370 25.66 14.10 -8.79
N VAL A 371 26.73 13.86 -8.05
CA VAL A 371 28.02 14.41 -8.46
C VAL A 371 28.49 13.73 -9.75
N PRO A 372 29.31 14.43 -10.55
CA PRO A 372 29.83 13.82 -11.79
C PRO A 372 30.72 12.59 -11.48
N ASN A 373 30.71 11.63 -12.39
CA ASN A 373 31.48 10.39 -12.22
C ASN A 373 31.20 9.70 -10.89
N ILE A 374 29.92 9.45 -10.63
CA ILE A 374 29.51 8.69 -9.46
C ILE A 374 30.06 7.27 -9.57
N ASN A 375 30.48 6.68 -8.45
CA ASN A 375 31.04 5.34 -8.46
C ASN A 375 30.55 4.50 -7.28
N GLN A 376 30.91 3.21 -7.26
CA GLN A 376 30.40 2.29 -6.25
C GLN A 376 30.78 2.70 -4.83
N VAL A 377 31.98 3.25 -4.68
CA VAL A 377 32.44 3.71 -3.36
C VAL A 377 31.61 4.88 -2.83
N LEU A 378 31.37 5.88 -3.67
CA LEU A 378 30.57 7.02 -3.27
C LEU A 378 29.15 6.59 -2.97
N ILE A 379 28.59 5.74 -3.83
CA ILE A 379 27.21 5.28 -3.67
C ILE A 379 27.03 4.56 -2.35
N ASN A 380 27.97 3.66 -2.06
CA ASN A 380 27.95 2.94 -0.80
C ASN A 380 27.90 3.91 0.38
N GLN A 381 28.71 4.97 0.29
CA GLN A 381 28.77 5.93 1.37
C GLN A 381 27.46 6.69 1.53
N VAL A 382 26.89 7.14 0.42
CA VAL A 382 25.58 7.80 0.47
C VAL A 382 24.51 6.90 1.11
N LEU A 383 24.46 5.65 0.70
CA LEU A 383 23.44 4.74 1.21
C LEU A 383 23.58 4.56 2.72
N ILE A 384 24.81 4.41 3.18
CA ILE A 384 25.07 4.29 4.60
C ILE A 384 24.61 5.54 5.34
N ASN A 385 25.01 6.72 4.86
CA ASN A 385 24.59 7.99 5.46
C ASN A 385 23.08 8.14 5.55
N LEU A 386 22.41 7.74 4.47
CA LEU A 386 20.97 7.89 4.37
C LEU A 386 20.25 6.99 5.38
N PHE A 387 20.56 5.71 5.34
CA PHE A 387 19.82 4.77 6.17
C PHE A 387 20.25 4.88 7.64
N ALA A 388 21.48 5.32 7.88
CA ALA A 388 21.90 5.69 9.24
C ALA A 388 20.97 6.78 9.78
N LYS A 389 20.80 7.84 9.01
CA LYS A 389 19.93 8.95 9.37
C LYS A 389 18.49 8.49 9.63
N LEU A 390 18.05 7.52 8.86
CA LEU A 390 16.68 7.04 9.00
C LEU A 390 16.57 5.96 10.07
N GLU A 391 17.72 5.62 10.68
CA GLU A 391 17.79 4.54 11.66
C GLU A 391 17.19 3.27 11.07
N ILE A 392 17.69 2.88 9.90
CA ILE A 392 17.21 1.70 9.21
C ILE A 392 18.40 0.85 8.78
N THR A 393 18.33 -0.44 9.05
CA THR A 393 19.38 -1.37 8.65
C THR A 393 19.31 -1.68 7.15
N LEU A 394 20.47 -1.71 6.51
CA LEU A 394 20.54 -1.91 5.07
C LEU A 394 21.23 -3.23 4.74
N ASP A 395 20.56 -4.10 3.97
CA ASP A 395 21.20 -5.34 3.56
C ASP A 395 22.28 -5.06 2.52
N THR A 396 23.45 -5.68 2.67
CA THR A 396 24.54 -5.51 1.71
C THR A 396 24.10 -5.88 0.28
N ARG A 397 23.22 -6.87 0.15
CA ARG A 397 22.71 -7.22 -1.17
C ARG A 397 21.77 -6.13 -1.72
N GLU A 398 21.20 -5.31 -0.84
CA GLU A 398 20.41 -4.15 -1.27
C GLU A 398 21.35 -3.08 -1.85
N ILE A 399 22.44 -2.84 -1.16
CA ILE A 399 23.48 -1.94 -1.65
C ILE A 399 23.97 -2.39 -3.03
N THR A 400 24.16 -3.69 -3.19
CA THR A 400 24.61 -4.25 -4.46
C THR A 400 23.59 -4.00 -5.59
N ALA A 401 22.33 -4.30 -5.32
CA ALA A 401 21.27 -4.11 -6.31
C ALA A 401 21.10 -2.63 -6.67
N PHE A 402 21.14 -1.78 -5.65
CA PHE A 402 20.99 -0.34 -5.85
C PHE A 402 22.13 0.19 -6.71
N THR A 403 23.34 -0.28 -6.43
CA THR A 403 24.52 0.21 -7.12
C THR A 403 24.47 -0.21 -8.60
N GLU A 404 24.02 -1.43 -8.84
CA GLU A 404 23.84 -1.91 -10.20
C GLU A 404 22.89 -1.00 -11.00
N VAL A 405 21.78 -0.60 -10.39
CA VAL A 405 20.82 0.26 -11.08
C VAL A 405 21.44 1.64 -11.32
N MSE A 406 22.20 2.14 -10.34
CA MSE A 406 22.86 3.44 -10.46
C MSE A 406 23.83 3.51 -11.63
O MSE A 406 23.99 4.56 -12.24
CB MSE A 406 23.62 3.78 -9.18
CG MSE A 406 22.79 4.27 -8.04
SE MSE A 406 21.96 5.99 -8.41
CE MSE A 406 23.60 7.01 -8.98
N MSE A 407 24.49 2.39 -11.92
CA MSE A 407 25.64 2.36 -12.82
C MSE A 407 25.28 1.98 -14.25
O MSE A 407 26.17 1.72 -15.06
CB MSE A 407 26.72 1.39 -12.30
CG MSE A 407 27.29 1.74 -10.95
SE MSE A 407 28.13 3.51 -10.92
CE MSE A 407 29.67 3.17 -12.11
N THR A 408 24.01 1.93 -14.58
CA THR A 408 23.58 1.66 -15.95
C THR A 408 22.29 2.41 -16.26
N ASN A 409 21.96 2.52 -17.54
CA ASN A 409 20.66 3.10 -17.91
C ASN A 409 19.70 2.01 -18.35
N GLU A 410 20.13 0.75 -18.26
CA GLU A 410 19.34 -0.39 -18.72
C GLU A 410 17.93 -0.45 -18.11
N PHE A 411 17.81 -0.10 -16.84
CA PHE A 411 16.53 -0.28 -16.16
C PHE A 411 15.76 1.04 -15.99
N ASP A 412 16.22 2.10 -16.64
CA ASP A 412 15.68 3.44 -16.38
C ASP A 412 14.15 3.56 -16.58
N ILE A 413 13.63 2.87 -17.59
CA ILE A 413 12.21 2.98 -17.92
C ILE A 413 11.36 2.53 -16.75
N ALA A 414 11.86 1.58 -15.94
CA ALA A 414 11.08 1.11 -14.82
C ALA A 414 10.94 2.14 -13.70
N PHE A 415 11.78 3.19 -13.73
CA PHE A 415 11.78 4.20 -12.64
C PHE A 415 11.35 5.53 -13.20
N ASP A 416 10.93 5.48 -14.46
CA ASP A 416 10.51 6.63 -15.23
C ASP A 416 9.40 7.45 -14.56
N THR A 417 9.40 8.77 -14.76
CA THR A 417 8.30 9.59 -14.22
C THR A 417 7.10 9.70 -15.16
N ASN A 418 7.33 9.53 -16.45
CA ASN A 418 6.25 9.56 -17.44
C ASN A 418 5.10 8.64 -17.04
N GLU A 419 3.89 9.01 -17.42
CA GLU A 419 2.78 8.08 -17.27
C GLU A 419 2.64 7.32 -18.58
N TYR A 420 2.74 6.01 -18.50
CA TYR A 420 2.54 5.18 -19.68
C TYR A 420 1.22 4.45 -19.53
N LEU A 421 0.34 4.63 -20.51
CA LEU A 421 -1.00 4.06 -20.44
C LEU A 421 -0.96 2.57 -20.77
N HIS A 422 -0.16 2.22 -21.78
CA HIS A 422 -0.15 0.88 -22.37
C HIS A 422 1.19 0.22 -22.16
N LYS A 423 1.20 -0.81 -21.32
CA LYS A 423 2.44 -1.34 -20.81
C LYS A 423 2.47 -2.86 -20.88
N ILE A 424 3.67 -3.37 -21.00
CA ILE A 424 3.94 -4.79 -20.88
C ILE A 424 4.87 -5.00 -19.69
N PHE A 425 4.49 -5.93 -18.79
CA PHE A 425 5.30 -6.32 -17.64
C PHE A 425 5.50 -7.83 -17.67
N THR A 426 6.62 -8.33 -17.14
CA THR A 426 6.63 -9.72 -16.69
C THR A 426 5.76 -9.83 -15.44
N VAL A 427 5.26 -11.02 -15.13
CA VAL A 427 4.45 -11.20 -13.94
C VAL A 427 5.29 -10.81 -12.70
N HIS A 428 6.59 -11.09 -12.75
CA HIS A 428 7.44 -10.73 -11.64
C HIS A 428 7.51 -9.22 -11.39
N SER A 429 7.76 -8.44 -12.45
CA SER A 429 7.79 -6.98 -12.32
C SER A 429 6.46 -6.43 -11.92
N ALA A 430 5.41 -7.20 -12.19
CA ALA A 430 4.06 -6.74 -11.92
C ALA A 430 3.65 -6.97 -10.48
N LYS A 431 4.46 -7.72 -9.75
CA LYS A 431 4.11 -8.08 -8.37
C LYS A 431 3.94 -6.83 -7.50
N GLY A 432 2.83 -6.73 -6.80
CA GLY A 432 2.59 -5.58 -5.96
C GLY A 432 2.13 -4.33 -6.71
N LEU A 433 1.96 -4.44 -8.03
CA LEU A 433 1.35 -3.35 -8.78
C LEU A 433 -0.11 -3.66 -9.09
N GLU A 434 -0.90 -2.63 -9.37
CA GLU A 434 -2.32 -2.80 -9.66
C GLU A 434 -2.68 -2.04 -10.94
N PHE A 435 -3.41 -2.67 -11.83
CA PHE A 435 -3.80 -2.05 -13.10
C PHE A 435 -5.30 -2.16 -13.30
N ASN A 436 -5.87 -1.32 -14.16
CA ASN A 436 -7.31 -1.38 -14.36
C ASN A 436 -7.72 -2.51 -15.32
N GLN A 437 -6.96 -2.68 -16.39
CA GLN A 437 -7.23 -3.72 -17.38
C GLN A 437 -5.96 -4.54 -17.64
N VAL A 438 -6.10 -5.86 -17.65
CA VAL A 438 -4.94 -6.74 -17.83
C VAL A 438 -5.27 -7.83 -18.85
N ILE A 439 -4.32 -8.10 -19.75
CA ILE A 439 -4.40 -9.24 -20.66
C ILE A 439 -3.36 -10.28 -20.26
N ILE A 440 -3.76 -11.53 -20.12
CA ILE A 440 -2.80 -12.61 -19.90
C ILE A 440 -3.03 -13.70 -20.97
N THR A 441 -2.06 -14.60 -21.09
CA THR A 441 -2.09 -15.67 -22.08
C THR A 441 -2.07 -17.02 -21.35
N ALA A 442 -3.09 -17.85 -21.59
CA ALA A 442 -3.24 -19.09 -20.85
C ALA A 442 -1.99 -19.97 -20.91
N SER A 443 -1.34 -19.98 -22.07
CA SER A 443 -0.24 -20.90 -22.30
C SER A 443 0.99 -20.50 -21.49
N ASP A 444 0.92 -19.39 -20.76
CA ASP A 444 2.01 -18.97 -19.88
C ASP A 444 1.94 -19.61 -18.50
N TYR A 445 0.86 -20.32 -18.20
CA TYR A 445 0.63 -20.86 -16.84
C TYR A 445 0.18 -22.31 -16.87
N ASN A 446 1.06 -23.25 -16.57
CA ASN A 446 0.65 -24.65 -16.69
C ASN A 446 0.08 -25.22 -15.38
N VAL A 447 -1.01 -24.61 -14.92
CA VAL A 447 -1.55 -24.88 -13.60
C VAL A 447 -2.13 -26.29 -13.51
N HIS A 448 -2.46 -26.87 -14.67
CA HIS A 448 -2.95 -28.25 -14.73
C HIS A 448 -1.91 -29.28 -14.26
N TYR A 449 -0.64 -28.90 -14.29
CA TYR A 449 0.41 -29.77 -13.77
C TYR A 449 0.98 -29.14 -12.51
N ASN A 450 0.16 -28.31 -11.86
CA ASN A 450 0.56 -27.64 -10.62
C ASN A 450 1.82 -26.78 -10.82
N ARG A 451 1.92 -26.16 -11.99
CA ARG A 451 3.04 -25.25 -12.31
C ARG A 451 2.55 -23.83 -12.50
N ASP A 452 3.46 -22.86 -12.28
CA ASP A 452 3.13 -21.45 -12.47
C ASP A 452 1.94 -21.01 -11.62
N THR A 453 1.72 -21.67 -10.48
CA THR A 453 0.47 -21.42 -9.74
C THR A 453 0.50 -20.09 -8.97
N ASN A 454 1.64 -19.76 -8.38
CA ASN A 454 1.76 -18.45 -7.73
C ASN A 454 1.72 -17.32 -8.76
N GLU A 455 2.44 -17.50 -9.87
CA GLU A 455 2.45 -16.51 -10.95
C GLU A 455 1.06 -16.31 -11.52
N HIS A 456 0.30 -17.40 -11.64
CA HIS A 456 -1.06 -17.30 -12.16
C HIS A 456 -1.97 -16.53 -11.20
N TYR A 457 -1.85 -16.80 -9.90
CA TYR A 457 -2.61 -16.03 -8.94
C TYR A 457 -2.23 -14.55 -9.02
N VAL A 458 -0.93 -14.26 -9.02
CA VAL A 458 -0.50 -12.86 -9.17
C VAL A 458 -1.06 -12.24 -10.45
N ALA A 459 -0.86 -12.94 -11.56
CA ALA A 459 -1.26 -12.40 -12.86
C ALA A 459 -2.75 -12.16 -12.94
N THR A 460 -3.56 -13.05 -12.36
CA THR A 460 -5.01 -12.90 -12.51
C THR A 460 -5.56 -11.88 -11.53
N THR A 461 -4.77 -11.48 -10.55
CA THR A 461 -5.26 -10.49 -9.58
C THR A 461 -4.60 -9.10 -9.70
N ARG A 462 -3.87 -8.85 -10.80
CA ARG A 462 -3.29 -7.52 -11.01
C ARG A 462 -4.37 -6.54 -11.43
N ALA A 463 -5.41 -7.06 -12.08
CA ALA A 463 -6.46 -6.20 -12.63
C ALA A 463 -7.55 -5.91 -11.63
N LYS A 464 -8.02 -4.67 -11.63
CA LYS A 464 -9.18 -4.31 -10.80
C LYS A 464 -10.50 -4.51 -11.55
N ASP A 465 -10.58 -4.05 -12.81
CA ASP A 465 -11.88 -3.96 -13.50
C ASP A 465 -12.10 -4.94 -14.65
N LYS A 466 -11.02 -5.36 -15.30
CA LYS A 466 -11.15 -6.20 -16.48
C LYS A 466 -9.94 -7.12 -16.63
N LEU A 467 -10.21 -8.42 -16.76
CA LEU A 467 -9.17 -9.41 -17.02
C LEU A 467 -9.52 -10.19 -18.29
N ILE A 468 -8.58 -10.22 -19.22
CA ILE A 468 -8.71 -10.95 -20.47
C ILE A 468 -7.75 -12.13 -20.46
N VAL A 469 -8.27 -13.32 -20.76
CA VAL A 469 -7.41 -14.47 -20.92
C VAL A 469 -7.42 -14.94 -22.39
N ILE A 470 -6.28 -14.78 -23.06
CA ILE A 470 -6.09 -15.39 -24.37
C ILE A 470 -6.04 -16.91 -24.18
N MSE A 471 -7.10 -17.58 -24.60
CA MSE A 471 -7.32 -19.00 -24.31
C MSE A 471 -6.65 -19.86 -25.39
O MSE A 471 -7.31 -20.27 -26.34
CB MSE A 471 -8.84 -19.28 -24.23
CG MSE A 471 -9.23 -20.55 -23.47
SE MSE A 471 -8.64 -20.57 -21.61
CE MSE A 471 -9.61 -19.05 -20.89
N ASP A 472 -5.35 -20.09 -25.25
CA ASP A 472 -4.54 -20.76 -26.28
C ASP A 472 -3.87 -22.04 -25.74
N ASN A 473 -4.49 -22.65 -24.75
CA ASN A 473 -3.87 -23.73 -23.99
C ASN A 473 -4.96 -24.75 -23.61
N LYS A 474 -5.08 -25.81 -24.40
CA LYS A 474 -6.18 -26.77 -24.26
C LYS A 474 -6.24 -27.40 -22.86
N LYS A 475 -5.08 -27.78 -22.33
CA LYS A 475 -5.06 -28.40 -21.01
C LYS A 475 -5.51 -27.43 -19.92
N TYR A 476 -5.22 -26.15 -20.09
CA TYR A 476 -5.64 -25.13 -19.13
C TYR A 476 -7.18 -25.01 -19.13
N SER A 477 -7.75 -24.89 -20.33
CA SER A 477 -9.20 -24.75 -20.47
C SER A 477 -9.94 -26.01 -20.04
N ASP A 478 -9.44 -27.18 -20.43
CA ASP A 478 -9.96 -28.44 -19.92
C ASP A 478 -9.92 -28.48 -18.40
N TYR A 479 -8.84 -27.96 -17.84
CA TYR A 479 -8.66 -27.97 -16.38
C TYR A 479 -9.71 -27.09 -15.68
N ILE A 480 -10.00 -25.94 -16.29
CA ILE A 480 -11.05 -25.07 -15.79
C ILE A 480 -12.41 -25.78 -15.81
N GLU A 481 -12.69 -26.44 -16.93
CA GLU A 481 -13.96 -27.13 -17.10
C GLU A 481 -14.11 -28.27 -16.10
N THR A 482 -12.99 -28.95 -15.84
CA THR A 482 -12.96 -30.01 -14.84
C THR A 482 -13.33 -29.49 -13.46
N LEU A 483 -12.69 -28.39 -13.04
CA LEU A 483 -13.02 -27.82 -11.74
C LEU A 483 -14.47 -27.33 -11.67
N MSE A 484 -14.98 -26.80 -12.78
CA MSE A 484 -16.36 -26.31 -12.81
C MSE A 484 -17.34 -27.46 -12.56
O MSE A 484 -18.27 -27.32 -11.77
CB MSE A 484 -16.68 -25.62 -14.15
CG MSE A 484 -16.00 -24.25 -14.34
SE MSE A 484 -16.21 -23.57 -16.16
CE MSE A 484 -18.15 -23.26 -16.21
N LYS A 485 -17.11 -28.58 -13.24
CA LYS A 485 -17.95 -29.77 -13.04
C LYS A 485 -17.88 -30.26 -11.60
N GLU A 486 -16.67 -30.36 -11.06
CA GLU A 486 -16.48 -30.78 -9.67
C GLU A 486 -17.24 -29.90 -8.68
N LEU A 487 -17.34 -28.62 -8.99
CA LEU A 487 -17.97 -27.66 -8.08
C LEU A 487 -19.41 -27.29 -8.43
N LYS A 488 -19.90 -27.83 -9.55
CA LYS A 488 -21.20 -27.46 -10.13
C LYS A 488 -21.25 -25.96 -10.41
N ILE A 489 -20.16 -25.43 -10.95
CA ILE A 489 -20.14 -24.04 -11.39
C ILE A 489 -20.53 -24.00 -12.86
N LYS A 490 -21.41 -23.08 -13.22
CA LYS A 490 -21.87 -22.99 -14.61
C LYS A 490 -21.18 -21.86 -15.37
N ASN A 491 -20.81 -20.79 -14.67
CA ASN A 491 -20.20 -19.62 -15.29
C ASN A 491 -19.05 -19.08 -14.47
N ILE A 492 -17.86 -19.03 -15.08
CA ILE A 492 -16.71 -18.47 -14.38
C ILE A 492 -15.92 -17.51 -15.29
N ILE A 493 -16.11 -17.65 -16.60
CA ILE A 493 -15.45 -16.74 -17.55
C ILE A 493 -16.31 -16.54 -18.79
N LYS A 494 -16.41 -15.30 -19.23
CA LYS A 494 -17.24 -14.94 -20.39
C LYS A 494 -16.48 -15.16 -21.68
N SER A 495 -16.95 -16.09 -22.52
CA SER A 495 -16.27 -16.35 -23.79
C SER A 495 -16.77 -15.39 -24.86
N ILE A 496 -15.84 -14.83 -25.63
CA ILE A 496 -16.25 -13.99 -26.75
C ILE A 496 -15.55 -14.44 -28.03
#